data_7ULZ
#
_entry.id   7ULZ
#
_cell.length_a   167.900
_cell.length_b   167.900
_cell.length_c   72.240
_cell.angle_alpha   90.000
_cell.angle_beta   90.000
_cell.angle_gamma   120.000
#
_symmetry.space_group_name_H-M   'P 31 2 1'
#
loop_
_entity.id
_entity.type
_entity.pdbx_description
1 polymer 'Methionine--tRNA ligase'
2 non-polymer 'SULFATE ION'
3 non-polymer METHIONINE
4 water water
#
_entity_poly.entity_id   1
_entity_poly.type   'polypeptide(L)'
_entity_poly.pdbx_seq_one_letter_code
;MAHHHHHHMSEPRKILVTSALPYANGSIHLGHMLEYIQTDMWVRFQKMRGNQAVYVCADDAHGSAIMLRAEREGITSEQL
IDAVRAEHMGDFADFLVDFDNYHSTHSEENRELSSAIYLKLRDAGHIDTRPVTQYFDPEKQMFLADRFIKGTCPKCGTAD
QYGDNCEACGATYAPTELKDPKSAISGATPVLKESLHYFFKLPDFEAMLKQWTRSGALQESVANKLAEWLDSGLQQWDIS
RDAPYFGFEIPDAPGKYFYVWLDAPIGYMASFKNLCARRPELDFDAFWGKDSGAELYHFIGKDIVNFHALFWPAMLEGAG
YRKPTALNVHGYLTVNGQKMSKSRGTFVKARTYLDHLDPEYLRYYYASKLGRGVEDLDLNLEDFVQKVNSDLVGKVVNIA
SRCAGFIHKGNAGVLVGADPAPELLAAFREAAPGIAEAYEARDFNRAMREIMALADRANAWIAEQAPWALAKQEGQQDKV
QAVCGLGINLFRQLVIFLKPVLPKLAAAAEAFLNVAPLTWADHQTLLANHQLNPFQPLMTRIEPAKVEAMIEASKEDLA
;
_entity_poly.pdbx_strand_id   A
#
loop_
_chem_comp.id
_chem_comp.type
_chem_comp.name
_chem_comp.formula
SO4 non-polymer 'SULFATE ION' 'O4 S -2'
#
# COMPACT_ATOMS: atom_id res chain seq x y z
N GLU A 11 7.28 -23.10 -11.40
CA GLU A 11 8.27 -22.08 -11.09
C GLU A 11 7.62 -20.89 -10.37
N PRO A 12 8.40 -20.16 -9.57
CA PRO A 12 7.85 -19.01 -8.86
C PRO A 12 7.55 -17.85 -9.80
N ARG A 13 6.72 -16.94 -9.31
CA ARG A 13 6.34 -15.73 -10.03
C ARG A 13 7.24 -14.57 -9.59
N LYS A 14 7.77 -13.84 -10.56
CA LYS A 14 8.48 -12.59 -10.27
C LYS A 14 7.47 -11.45 -10.32
N ILE A 15 7.30 -10.76 -9.20
CA ILE A 15 6.28 -9.73 -9.07
C ILE A 15 6.93 -8.47 -8.51
N LEU A 16 6.84 -7.38 -9.26
CA LEU A 16 7.29 -6.07 -8.80
C LEU A 16 6.05 -5.22 -8.48
N VAL A 17 5.92 -4.84 -7.21
CA VAL A 17 4.76 -4.13 -6.72
C VAL A 17 5.20 -2.75 -6.22
N THR A 18 4.38 -1.74 -6.51
CA THR A 18 4.61 -0.37 -6.05
C THR A 18 3.35 0.15 -5.39
N SER A 19 3.52 1.19 -4.58
CA SER A 19 2.44 2.05 -4.12
C SER A 19 2.71 3.47 -4.57
N ALA A 20 1.66 4.28 -4.62
CA ALA A 20 1.85 5.68 -5.00
C ALA A 20 2.90 6.33 -4.10
N LEU A 21 3.66 7.25 -4.69
CA LEU A 21 4.74 7.92 -3.97
C LEU A 21 4.17 9.11 -3.21
N PRO A 22 4.19 9.10 -1.88
CA PRO A 22 3.65 10.24 -1.13
C PRO A 22 4.47 11.49 -1.37
N TYR A 23 3.79 12.64 -1.35
CA TYR A 23 4.49 13.90 -1.51
C TYR A 23 5.33 14.21 -0.27
N ALA A 24 6.47 14.87 -0.49
CA ALA A 24 7.41 15.11 0.59
C ALA A 24 7.11 16.41 1.32
N ASN A 25 5.83 16.77 1.45
CA ASN A 25 5.46 18.06 2.02
C ASN A 25 4.48 17.92 3.20
N GLY A 26 4.45 16.77 3.85
CA GLY A 26 3.56 16.61 4.98
C GLY A 26 3.62 15.20 5.52
N SER A 27 2.89 14.99 6.62
CA SER A 27 2.89 13.70 7.30
C SER A 27 1.97 12.71 6.60
N ILE A 28 2.25 11.42 6.84
CA ILE A 28 1.35 10.35 6.44
C ILE A 28 0.20 10.28 7.43
N HIS A 29 -1.03 10.31 6.92
CA HIS A 29 -2.21 10.17 7.76
CA HIS A 29 -2.21 10.17 7.76
C HIS A 29 -2.88 8.82 7.50
N LEU A 30 -3.88 8.52 8.35
CA LEU A 30 -4.51 7.20 8.30
C LEU A 30 -5.23 6.92 6.98
N GLY A 31 -5.58 7.96 6.22
CA GLY A 31 -6.09 7.74 4.88
C GLY A 31 -5.02 7.24 3.93
N HIS A 32 -3.85 7.87 3.95
CA HIS A 32 -2.73 7.35 3.16
C HIS A 32 -2.39 5.92 3.57
N MET A 33 -2.48 5.62 4.88
CA MET A 33 -2.02 4.32 5.35
C MET A 33 -2.82 3.17 4.76
N LEU A 34 -4.07 3.42 4.37
CA LEU A 34 -4.89 2.35 3.80
C LEU A 34 -4.28 1.78 2.53
N GLU A 35 -3.69 2.63 1.70
CA GLU A 35 -3.07 2.13 0.48
C GLU A 35 -1.85 1.28 0.78
N TYR A 36 -1.01 1.73 1.71
CA TYR A 36 0.22 1.01 1.97
C TYR A 36 -0.05 -0.29 2.72
N ILE A 37 -1.06 -0.31 3.59
CA ILE A 37 -1.43 -1.55 4.25
C ILE A 37 -2.01 -2.54 3.24
N GLN A 38 -2.85 -2.04 2.33
CA GLN A 38 -3.38 -2.90 1.27
C GLN A 38 -2.25 -3.52 0.46
N THR A 39 -1.28 -2.71 0.05
CA THR A 39 -0.18 -3.20 -0.77
C THR A 39 0.71 -4.16 0.01
N ASP A 40 1.17 -3.73 1.19
CA ASP A 40 2.06 -4.57 2.00
C ASP A 40 1.42 -5.93 2.25
N MET A 41 0.14 -5.97 2.62
CA MET A 41 -0.52 -7.24 2.88
C MET A 41 -0.50 -8.14 1.65
N TRP A 42 -0.77 -7.57 0.46
CA TRP A 42 -0.72 -8.38 -0.74
C TRP A 42 0.69 -8.91 -0.99
N VAL A 43 1.69 -8.06 -0.78
CA VAL A 43 3.08 -8.49 -0.99
C VAL A 43 3.44 -9.61 -0.05
N ARG A 44 3.09 -9.46 1.24
CA ARG A 44 3.45 -10.49 2.21
C ARG A 44 2.77 -11.82 1.89
N PHE A 45 1.55 -11.77 1.33
CA PHE A 45 0.87 -12.99 0.93
C PHE A 45 1.63 -13.70 -0.20
N GLN A 46 2.02 -12.94 -1.23
CA GLN A 46 2.77 -13.55 -2.33
C GLN A 46 4.10 -14.09 -1.85
N LYS A 47 4.77 -13.39 -0.91
CA LYS A 47 6.01 -13.91 -0.34
C LYS A 47 5.76 -15.26 0.33
N MET A 48 4.67 -15.40 1.09
CA MET A 48 4.31 -16.67 1.73
C MET A 48 4.05 -17.77 0.71
N ARG A 49 3.56 -17.41 -0.47
CA ARG A 49 3.26 -18.37 -1.52
C ARG A 49 4.50 -18.79 -2.29
N GLY A 50 5.69 -18.34 -1.88
CA GLY A 50 6.91 -18.73 -2.54
C GLY A 50 7.24 -17.96 -3.79
N ASN A 51 6.58 -16.83 -4.03
CA ASN A 51 6.86 -16.02 -5.19
C ASN A 51 7.88 -14.94 -4.84
N GLN A 52 8.60 -14.48 -5.87
CA GLN A 52 9.54 -13.37 -5.73
C GLN A 52 8.75 -12.08 -5.88
N ALA A 53 8.31 -11.52 -4.76
CA ALA A 53 7.56 -10.28 -4.73
C ALA A 53 8.45 -9.17 -4.17
N VAL A 54 8.68 -8.13 -4.97
CA VAL A 54 9.53 -7.02 -4.58
C VAL A 54 8.67 -5.77 -4.48
N TYR A 55 8.76 -5.09 -3.34
CA TYR A 55 7.90 -3.95 -3.03
C TYR A 55 8.79 -2.71 -2.96
N VAL A 56 8.62 -1.79 -3.92
CA VAL A 56 9.41 -0.57 -3.94
C VAL A 56 8.48 0.63 -3.89
N CYS A 57 8.95 1.68 -3.23
CA CYS A 57 8.25 2.97 -3.17
C CYS A 57 9.32 4.06 -3.01
N ALA A 58 8.86 5.29 -2.80
CA ALA A 58 9.75 6.44 -2.73
C ALA A 58 8.95 7.66 -2.30
N ASP A 59 9.65 8.70 -1.88
CA ASP A 59 9.01 9.99 -1.66
C ASP A 59 8.99 10.78 -2.96
N ASP A 60 7.89 11.52 -3.16
CA ASP A 60 7.71 12.40 -4.31
C ASP A 60 8.19 13.78 -3.90
N ALA A 61 9.40 14.15 -4.33
CA ALA A 61 10.12 15.24 -3.68
C ALA A 61 10.26 16.49 -4.53
N HIS A 62 9.56 16.58 -5.65
CA HIS A 62 9.67 17.75 -6.52
C HIS A 62 8.37 18.54 -6.54
N GLY A 63 8.38 19.57 -7.38
CA GLY A 63 7.19 20.37 -7.61
C GLY A 63 7.11 21.57 -6.68
N SER A 64 6.10 22.40 -6.96
CA SER A 64 5.78 23.55 -6.13
C SER A 64 5.23 23.13 -4.77
N ALA A 65 4.65 21.93 -4.69
CA ALA A 65 4.21 21.40 -3.40
C ALA A 65 5.33 21.47 -2.36
N ILE A 66 6.54 21.06 -2.76
CA ILE A 66 7.67 21.03 -1.83
C ILE A 66 8.24 22.43 -1.63
N MET A 67 8.29 23.24 -2.69
CA MET A 67 8.80 24.61 -2.55
C MET A 67 7.96 25.41 -1.58
N LEU A 68 6.64 25.17 -1.56
CA LEU A 68 5.76 25.92 -0.67
C LEU A 68 6.07 25.63 0.79
N ARG A 69 6.24 24.35 1.14
CA ARG A 69 6.52 24.00 2.52
C ARG A 69 7.94 24.37 2.91
N ALA A 70 8.90 24.18 2.00
CA ALA A 70 10.28 24.59 2.29
C ALA A 70 10.36 26.07 2.57
N GLU A 71 9.64 26.87 1.78
CA GLU A 71 9.58 28.31 2.03
C GLU A 71 8.84 28.62 3.32
N ARG A 72 7.70 27.96 3.55
CA ARG A 72 6.91 28.21 4.75
C ARG A 72 7.67 27.89 6.03
N GLU A 73 8.77 27.14 5.94
CA GLU A 73 9.56 26.77 7.12
C GLU A 73 10.98 27.34 7.07
N GLY A 74 11.28 28.22 6.13
CA GLY A 74 12.58 28.86 6.09
C GLY A 74 13.76 27.89 6.01
N ILE A 75 13.60 26.80 5.27
CA ILE A 75 14.67 25.84 5.04
C ILE A 75 14.76 25.56 3.54
N THR A 76 15.85 24.92 3.13
CA THR A 76 16.03 24.61 1.72
C THR A 76 15.11 23.46 1.31
N SER A 77 15.00 23.25 0.01
CA SER A 77 14.20 22.14 -0.48
C SER A 77 14.86 20.80 -0.15
N GLU A 78 16.18 20.71 -0.33
CA GLU A 78 16.89 19.49 0.05
C GLU A 78 16.73 19.19 1.53
N GLN A 79 16.75 20.23 2.36
CA GLN A 79 16.60 20.01 3.80
C GLN A 79 15.24 19.40 4.12
N LEU A 80 14.18 19.93 3.50
CA LEU A 80 12.83 19.46 3.81
C LEU A 80 12.66 18.00 3.41
N ILE A 81 12.99 17.65 2.16
CA ILE A 81 12.71 16.30 1.69
C ILE A 81 13.52 15.26 2.46
N ASP A 82 14.72 15.63 2.90
CA ASP A 82 15.52 14.69 3.67
C ASP A 82 14.87 14.41 5.03
N ALA A 83 14.45 15.46 5.73
CA ALA A 83 13.72 15.27 6.97
C ALA A 83 12.43 14.49 6.76
N VAL A 84 11.71 14.81 5.68
CA VAL A 84 10.40 14.20 5.46
C VAL A 84 10.55 12.73 5.08
N ARG A 85 11.53 12.39 4.24
CA ARG A 85 11.70 10.99 3.86
C ARG A 85 12.02 10.13 5.08
N ALA A 86 12.85 10.66 5.99
CA ALA A 86 13.11 9.95 7.23
C ALA A 86 11.82 9.69 8.01
N GLU A 87 10.96 10.72 8.09
CA GLU A 87 9.74 10.59 8.88
C GLU A 87 8.76 9.63 8.23
N HIS A 88 8.60 9.71 6.90
CA HIS A 88 7.70 8.78 6.22
C HIS A 88 8.16 7.34 6.43
N MET A 89 9.46 7.08 6.27
CA MET A 89 9.94 5.70 6.39
C MET A 89 9.77 5.17 7.80
N GLY A 90 9.89 6.04 8.80
CA GLY A 90 9.65 5.61 10.17
C GLY A 90 8.20 5.23 10.41
N ASP A 91 7.27 6.02 9.87
CA ASP A 91 5.85 5.72 10.04
C ASP A 91 5.47 4.43 9.33
N PHE A 92 5.92 4.26 8.09
CA PHE A 92 5.61 3.03 7.35
C PHE A 92 6.17 1.81 8.06
N ALA A 93 7.42 1.90 8.51
CA ALA A 93 8.06 0.76 9.16
C ALA A 93 7.33 0.37 10.44
N ASP A 94 6.98 1.36 11.26
CA ASP A 94 6.22 1.10 12.48
C ASP A 94 4.84 0.53 12.18
N PHE A 95 4.25 0.87 11.03
CA PHE A 95 2.99 0.24 10.63
C PHE A 95 3.19 -1.10 9.93
N LEU A 96 4.39 -1.67 10.02
CA LEU A 96 4.74 -2.96 9.47
C LEU A 96 4.68 -2.99 7.95
N VAL A 97 4.79 -1.84 7.29
CA VAL A 97 4.86 -1.80 5.83
C VAL A 97 6.32 -1.98 5.44
N ASP A 98 6.64 -3.15 4.90
CA ASP A 98 8.03 -3.60 4.71
C ASP A 98 8.43 -3.45 3.24
N PHE A 99 8.96 -2.27 2.90
CA PHE A 99 9.45 -2.05 1.55
C PHE A 99 10.77 -2.77 1.31
N ASP A 100 10.96 -3.21 0.06
CA ASP A 100 12.27 -3.70 -0.34
C ASP A 100 13.22 -2.55 -0.62
N ASN A 101 12.69 -1.40 -1.05
CA ASN A 101 13.46 -0.17 -1.16
C ASN A 101 12.49 0.99 -1.09
N TYR A 102 12.89 2.06 -0.39
CA TYR A 102 12.11 3.29 -0.33
C TYR A 102 13.03 4.42 -0.75
N HIS A 103 12.95 4.81 -2.02
CA HIS A 103 13.90 5.74 -2.63
C HIS A 103 13.35 7.16 -2.66
N SER A 104 13.70 7.92 -3.70
CA SER A 104 13.26 9.30 -3.80
C SER A 104 13.27 9.72 -5.25
N THR A 105 12.24 10.47 -5.65
CA THR A 105 12.25 11.02 -7.00
C THR A 105 13.37 12.03 -7.19
N HIS A 106 13.94 12.55 -6.11
CA HIS A 106 15.12 13.41 -6.19
C HIS A 106 16.36 12.57 -5.90
N SER A 107 16.66 11.72 -6.87
CA SER A 107 17.81 10.82 -6.76
C SER A 107 18.52 10.78 -8.11
N GLU A 108 19.78 10.38 -8.06
CA GLU A 108 20.58 10.36 -9.28
C GLU A 108 20.06 9.35 -10.29
N GLU A 109 19.44 8.26 -9.83
CA GLU A 109 18.82 7.33 -10.76
C GLU A 109 17.62 7.96 -11.47
N ASN A 110 16.79 8.68 -10.72
CA ASN A 110 15.65 9.34 -11.36
C ASN A 110 16.11 10.45 -12.30
N ARG A 111 17.18 11.16 -11.95
CA ARG A 111 17.66 12.20 -12.86
C ARG A 111 18.11 11.61 -14.18
N GLU A 112 18.83 10.48 -14.13
CA GLU A 112 19.33 9.88 -15.36
C GLU A 112 18.21 9.19 -16.12
N LEU A 113 17.36 8.45 -15.41
CA LEU A 113 16.25 7.77 -16.08
C LEU A 113 15.32 8.77 -16.75
N SER A 114 14.92 9.82 -16.03
CA SER A 114 14.06 10.82 -16.64
C SER A 114 14.69 11.41 -17.89
N SER A 115 15.98 11.74 -17.84
CA SER A 115 16.61 12.37 -18.99
C SER A 115 16.82 11.37 -20.12
N ALA A 116 17.15 10.12 -19.81
CA ALA A 116 17.32 9.14 -20.87
C ALA A 116 15.98 8.80 -21.53
N ILE A 117 14.92 8.68 -20.74
CA ILE A 117 13.59 8.48 -21.29
C ILE A 117 13.18 9.67 -22.15
N TYR A 118 13.29 10.87 -21.59
CA TYR A 118 12.97 12.08 -22.36
C TYR A 118 13.72 12.11 -23.69
N LEU A 119 15.03 11.86 -23.65
CA LEU A 119 15.82 11.98 -24.88
C LEU A 119 15.41 10.94 -25.92
N LYS A 120 15.16 9.70 -25.49
CA LYS A 120 14.68 8.70 -26.42
C LYS A 120 13.34 9.11 -27.03
N LEU A 121 12.39 9.53 -26.19
CA LEU A 121 11.08 9.94 -26.69
C LEU A 121 11.19 11.10 -27.66
N ARG A 122 12.13 12.01 -27.39
CA ARG A 122 12.28 13.18 -28.26
C ARG A 122 12.80 12.76 -29.63
N ASP A 123 13.83 11.91 -29.66
CA ASP A 123 14.39 11.49 -30.94
C ASP A 123 13.40 10.67 -31.75
N ALA A 124 12.45 10.01 -31.08
CA ALA A 124 11.39 9.29 -31.79
C ALA A 124 10.28 10.20 -32.27
N GLY A 125 10.35 11.50 -31.97
CA GLY A 125 9.37 12.44 -32.45
C GLY A 125 8.13 12.59 -31.60
N HIS A 126 8.22 12.26 -30.31
CA HIS A 126 7.07 12.32 -29.42
C HIS A 126 7.12 13.51 -28.49
N ILE A 127 7.97 14.49 -28.77
CA ILE A 127 8.05 15.70 -27.96
C ILE A 127 7.77 16.90 -28.87
N ASP A 128 7.08 17.90 -28.33
CA ASP A 128 6.65 19.06 -29.07
C ASP A 128 6.95 20.31 -28.26
N THR A 129 7.28 21.39 -28.95
CA THR A 129 7.53 22.69 -28.32
C THR A 129 6.57 23.72 -28.88
N ARG A 130 5.84 24.38 -27.98
CA ARG A 130 4.88 25.42 -28.33
C ARG A 130 4.86 26.47 -27.22
N PRO A 131 4.62 27.74 -27.55
CA PRO A 131 4.56 28.78 -26.53
C PRO A 131 3.21 28.79 -25.83
N VAL A 132 3.23 28.74 -24.52
CA VAL A 132 2.03 28.88 -23.70
C VAL A 132 1.89 30.35 -23.32
N THR A 133 0.67 30.86 -23.43
CA THR A 133 0.38 32.24 -23.05
C THR A 133 -0.44 32.25 -21.77
N GLN A 134 -0.14 33.21 -20.90
CA GLN A 134 -0.93 33.50 -19.72
C GLN A 134 -1.44 34.92 -19.82
N TYR A 135 -2.71 35.12 -19.50
CA TYR A 135 -3.32 36.43 -19.58
C TYR A 135 -3.95 36.78 -18.23
N PHE A 136 -3.84 38.05 -17.86
CA PHE A 136 -4.44 38.52 -16.62
C PHE A 136 -5.92 38.72 -16.83
N ASP A 137 -6.73 38.04 -16.01
CA ASP A 137 -8.18 38.20 -16.04
C ASP A 137 -8.56 39.24 -15.00
N PRO A 138 -9.11 40.40 -15.40
CA PRO A 138 -9.38 41.43 -14.39
C PRO A 138 -10.46 41.04 -13.41
N GLU A 139 -11.42 40.22 -13.82
CA GLU A 139 -12.44 39.76 -12.89
C GLU A 139 -11.87 38.74 -11.91
N LYS A 140 -11.30 37.66 -12.43
CA LYS A 140 -10.72 36.65 -11.57
C LYS A 140 -9.45 37.12 -10.87
N GLN A 141 -8.89 38.27 -11.28
CA GLN A 141 -7.76 38.91 -10.60
C GLN A 141 -6.55 37.97 -10.46
N MET A 142 -6.14 37.39 -11.58
CA MET A 142 -5.02 36.47 -11.60
C MET A 142 -4.74 36.08 -13.05
N PHE A 143 -3.58 35.46 -13.26
CA PHE A 143 -3.20 35.00 -14.59
C PHE A 143 -3.81 33.63 -14.85
N LEU A 144 -4.38 33.47 -16.04
CA LEU A 144 -4.91 32.19 -16.46
C LEU A 144 -4.09 31.65 -17.61
N ALA A 145 -4.03 30.33 -17.70
CA ALA A 145 -3.29 29.70 -18.78
C ALA A 145 -4.11 29.66 -20.06
N ASP A 146 -3.41 29.48 -21.17
CA ASP A 146 -4.04 29.32 -22.48
C ASP A 146 -4.27 27.83 -22.71
N ARG A 147 -5.49 27.36 -22.42
CA ARG A 147 -5.79 25.94 -22.57
C ARG A 147 -5.81 25.53 -24.04
N PHE A 148 -6.64 26.17 -24.84
CA PHE A 148 -6.71 25.92 -26.28
C PHE A 148 -7.05 24.47 -26.60
N ALA A 171 -7.43 27.24 -15.53
CA ALA A 171 -6.38 26.84 -14.59
C ALA A 171 -5.14 27.71 -14.75
N THR A 172 -4.35 27.78 -13.68
CA THR A 172 -3.04 28.41 -13.71
C THR A 172 -2.01 27.39 -13.26
N TYR A 173 -0.74 27.68 -13.54
CA TYR A 173 0.34 26.86 -13.02
C TYR A 173 0.42 27.00 -11.50
N ALA A 174 0.79 25.92 -10.84
CA ALA A 174 0.79 25.90 -9.38
C ALA A 174 1.83 26.88 -8.85
N PRO A 175 1.45 27.74 -7.89
CA PRO A 175 2.41 28.74 -7.37
C PRO A 175 3.59 28.09 -6.65
N THR A 176 4.76 28.69 -6.83
CA THR A 176 5.99 28.21 -6.21
C THR A 176 6.46 29.08 -5.03
N GLU A 177 5.87 30.27 -4.86
CA GLU A 177 6.12 31.12 -3.69
C GLU A 177 4.77 31.57 -3.12
N LEU A 178 4.81 32.20 -1.95
CA LEU A 178 3.60 32.62 -1.26
C LEU A 178 3.24 34.04 -1.68
N LYS A 179 2.08 34.20 -2.34
CA LYS A 179 1.63 35.50 -2.82
C LYS A 179 0.10 35.51 -2.99
N SER A 183 -4.45 41.12 -6.89
CA SER A 183 -3.65 41.67 -7.98
C SER A 183 -4.51 42.57 -8.85
N ALA A 184 -3.91 43.61 -9.42
CA ALA A 184 -4.64 44.54 -10.27
C ALA A 184 -3.75 44.99 -11.43
N ILE A 185 -4.42 45.48 -12.48
CA ILE A 185 -3.78 45.94 -13.71
C ILE A 185 -2.98 47.20 -13.41
N SER A 186 -1.67 47.06 -13.28
CA SER A 186 -0.79 48.18 -12.98
C SER A 186 -0.29 48.83 -14.27
N GLY A 187 0.07 50.11 -14.17
CA GLY A 187 0.50 50.90 -15.31
C GLY A 187 1.48 50.22 -16.25
N ALA A 188 2.70 49.93 -15.76
CA ALA A 188 3.73 49.31 -16.58
C ALA A 188 3.90 47.81 -16.33
N THR A 189 2.96 47.19 -15.63
CA THR A 189 3.03 45.74 -15.41
C THR A 189 2.31 45.01 -16.54
N PRO A 190 2.95 44.03 -17.17
CA PRO A 190 2.31 43.30 -18.26
C PRO A 190 1.06 42.55 -17.82
N VAL A 191 0.09 42.48 -18.73
CA VAL A 191 -1.10 41.67 -18.53
C VAL A 191 -1.07 40.41 -19.39
N LEU A 192 0.11 40.04 -19.90
CA LEU A 192 0.24 38.93 -20.83
C LEU A 192 1.65 38.37 -20.74
N LYS A 193 1.79 37.17 -20.15
CA LYS A 193 3.04 36.43 -20.09
C LYS A 193 3.09 35.39 -21.21
N GLU A 194 4.30 34.99 -21.57
CA GLU A 194 4.48 33.97 -22.57
C GLU A 194 5.80 33.26 -22.32
N SER A 195 5.82 31.95 -22.55
CA SER A 195 6.98 31.13 -22.25
C SER A 195 6.86 29.81 -23.00
N LEU A 196 7.98 29.33 -23.53
CA LEU A 196 7.97 28.09 -24.28
C LEU A 196 7.86 26.90 -23.34
N HIS A 197 6.99 25.96 -23.69
CA HIS A 197 6.79 24.74 -22.91
C HIS A 197 7.03 23.51 -23.79
N TYR A 198 7.29 22.39 -23.12
CA TYR A 198 7.60 21.14 -23.78
C TYR A 198 6.45 20.17 -23.55
N PHE A 199 6.01 19.51 -24.61
CA PHE A 199 4.82 18.66 -24.54
C PHE A 199 5.16 17.23 -24.93
N PHE A 200 4.56 16.29 -24.21
CA PHE A 200 4.58 14.89 -24.58
C PHE A 200 3.41 14.63 -25.53
N LYS A 201 3.70 14.28 -26.77
CA LYS A 201 2.66 14.07 -27.77
C LYS A 201 1.90 12.79 -27.45
N LEU A 202 1.17 12.82 -26.34
CA LEU A 202 0.32 11.69 -25.93
C LEU A 202 -0.61 11.17 -27.02
N PRO A 203 -1.22 12.00 -27.88
CA PRO A 203 -2.07 11.44 -28.94
C PRO A 203 -1.37 10.45 -29.85
N ASP A 204 -0.03 10.48 -29.93
CA ASP A 204 0.70 9.50 -30.73
C ASP A 204 0.44 8.07 -30.28
N PHE A 205 -0.03 7.88 -29.04
CA PHE A 205 -0.26 6.54 -28.49
C PHE A 205 -1.75 6.24 -28.30
N GLU A 206 -2.64 7.06 -28.88
CA GLU A 206 -4.06 6.96 -28.55
C GLU A 206 -4.63 5.62 -28.97
N ALA A 207 -4.22 5.09 -30.13
CA ALA A 207 -4.68 3.77 -30.54
C ALA A 207 -4.20 2.71 -29.56
N MET A 208 -2.91 2.73 -29.23
CA MET A 208 -2.38 1.79 -28.24
C MET A 208 -3.13 1.91 -26.92
N LEU A 209 -3.38 3.14 -26.47
CA LEU A 209 -4.05 3.33 -25.19
C LEU A 209 -5.50 2.88 -25.25
N LYS A 210 -6.18 3.14 -26.37
CA LYS A 210 -7.55 2.66 -26.51
C LYS A 210 -7.63 1.14 -26.39
N GLN A 211 -6.58 0.44 -26.78
CA GLN A 211 -6.55 -1.01 -26.67
C GLN A 211 -6.06 -1.47 -25.29
N TRP A 212 -5.01 -0.82 -24.76
CA TRP A 212 -4.43 -1.27 -23.50
C TRP A 212 -5.37 -1.02 -22.34
N THR A 213 -6.09 0.11 -22.34
CA THR A 213 -6.98 0.43 -21.24
C THR A 213 -8.12 -0.57 -21.09
N ARG A 214 -8.46 -1.30 -22.16
CA ARG A 214 -9.51 -2.31 -22.09
C ARG A 214 -8.94 -3.72 -22.19
N SER A 215 -7.66 -3.88 -21.89
CA SER A 215 -6.97 -5.14 -22.07
C SER A 215 -7.06 -6.06 -20.87
N GLY A 216 -7.62 -5.59 -19.75
CA GLY A 216 -7.56 -6.31 -18.49
C GLY A 216 -6.66 -5.66 -17.48
N ALA A 217 -5.84 -4.70 -17.89
CA ALA A 217 -5.00 -3.97 -16.95
C ALA A 217 -5.81 -3.13 -15.98
N LEU A 218 -7.03 -2.74 -16.34
CA LEU A 218 -7.89 -1.94 -15.49
C LEU A 218 -9.18 -2.69 -15.18
N GLN A 219 -9.66 -2.53 -13.95
CA GLN A 219 -11.00 -2.98 -13.62
C GLN A 219 -12.02 -2.25 -14.51
N GLU A 220 -13.15 -2.93 -14.79
CA GLU A 220 -14.08 -2.37 -15.78
C GLU A 220 -14.61 -1.01 -15.36
N SER A 221 -14.95 -0.85 -14.08
CA SER A 221 -15.37 0.45 -13.57
C SER A 221 -14.30 1.50 -13.84
N VAL A 222 -13.06 1.18 -13.50
CA VAL A 222 -11.94 2.10 -13.71
C VAL A 222 -11.79 2.41 -15.20
N ALA A 223 -11.82 1.37 -16.04
CA ALA A 223 -11.63 1.59 -17.47
C ALA A 223 -12.71 2.49 -18.05
N ASN A 224 -13.96 2.35 -17.59
CA ASN A 224 -15.03 3.15 -18.17
C ASN A 224 -15.03 4.58 -17.66
N LYS A 225 -14.61 4.81 -16.40
CA LYS A 225 -14.44 6.20 -15.96
C LYS A 225 -13.24 6.84 -16.66
N LEU A 226 -12.17 6.07 -16.86
CA LEU A 226 -11.01 6.64 -17.52
C LEU A 226 -11.28 6.91 -18.99
N ALA A 227 -12.07 6.06 -19.64
CA ALA A 227 -12.36 6.20 -21.06
C ALA A 227 -13.01 7.53 -21.40
N GLU A 228 -13.40 8.33 -20.41
CA GLU A 228 -13.93 9.65 -20.70
C GLU A 228 -12.87 10.52 -21.38
N TRP A 229 -11.64 10.47 -20.90
CA TRP A 229 -10.54 11.16 -21.59
C TRP A 229 -10.36 10.61 -23.01
N LEU A 230 -10.57 9.31 -23.21
CA LEU A 230 -10.41 8.73 -24.54
C LEU A 230 -11.57 9.13 -25.46
N ASP A 231 -12.81 9.06 -24.97
CA ASP A 231 -13.96 9.52 -25.75
C ASP A 231 -13.77 10.96 -26.21
N SER A 232 -13.25 11.81 -25.32
CA SER A 232 -13.07 13.22 -25.66
C SER A 232 -11.98 13.43 -26.68
N GLY A 233 -10.94 12.59 -26.65
CA GLY A 233 -9.78 12.78 -27.50
C GLY A 233 -8.59 13.22 -26.68
N LEU A 234 -7.48 12.49 -26.78
CA LEU A 234 -6.32 12.80 -25.95
C LEU A 234 -5.69 14.11 -26.40
N GLN A 235 -5.03 14.77 -25.46
CA GLN A 235 -4.36 16.04 -25.71
C GLN A 235 -2.89 15.95 -25.34
N GLN A 236 -2.07 16.75 -26.01
CA GLN A 236 -0.66 16.85 -25.63
C GLN A 236 -0.55 17.27 -24.18
N TRP A 237 0.50 16.79 -23.52
CA TRP A 237 0.67 16.97 -22.08
C TRP A 237 1.87 17.88 -21.81
N ASP A 238 1.62 18.93 -21.03
CA ASP A 238 2.63 19.92 -20.67
C ASP A 238 3.54 19.33 -19.60
N ILE A 239 4.80 19.08 -19.96
CA ILE A 239 5.74 18.40 -19.07
C ILE A 239 6.85 19.31 -18.56
N SER A 240 6.79 20.61 -18.88
CA SER A 240 7.83 21.53 -18.48
C SER A 240 7.29 22.62 -17.57
N ARG A 241 8.15 23.10 -16.67
CA ARG A 241 7.84 24.24 -15.81
C ARG A 241 9.02 25.20 -15.86
N ASP A 242 8.73 26.48 -15.63
CA ASP A 242 9.76 27.51 -15.67
C ASP A 242 10.47 27.62 -14.32
N ALA A 243 11.61 28.28 -14.34
CA ALA A 243 12.31 28.56 -13.10
C ALA A 243 11.64 29.72 -12.36
N PRO A 244 11.63 29.70 -11.03
CA PRO A 244 12.26 28.72 -10.12
C PRO A 244 11.42 27.48 -9.88
N TYR A 245 12.02 26.31 -9.98
CA TYR A 245 11.31 25.04 -9.81
C TYR A 245 12.26 24.02 -9.22
N PHE A 246 11.85 23.36 -8.13
CA PHE A 246 12.66 22.32 -7.51
C PHE A 246 12.41 21.01 -8.25
N GLY A 247 13.30 20.66 -9.17
CA GLY A 247 13.15 19.44 -9.94
C GLY A 247 14.30 19.28 -10.92
N PHE A 248 14.14 18.31 -11.81
CA PHE A 248 15.18 18.01 -12.78
C PHE A 248 15.13 18.97 -13.96
N GLU A 249 16.30 19.38 -14.44
CA GLU A 249 16.35 20.26 -15.58
C GLU A 249 16.26 19.46 -16.88
N ILE A 250 15.57 20.01 -17.86
CA ILE A 250 15.30 19.30 -19.10
C ILE A 250 16.54 19.37 -19.99
N PRO A 251 17.00 18.25 -20.55
CA PRO A 251 18.14 18.28 -21.47
C PRO A 251 17.95 19.28 -22.60
N ASP A 252 18.92 20.18 -22.74
CA ASP A 252 19.04 21.13 -23.84
C ASP A 252 18.04 22.27 -23.76
N ALA A 253 17.39 22.45 -22.62
CA ALA A 253 16.39 23.50 -22.42
C ALA A 253 16.73 24.25 -21.14
N PRO A 254 17.70 25.16 -21.19
CA PRO A 254 18.12 25.88 -19.99
C PRO A 254 16.97 26.67 -19.38
N GLY A 255 16.86 26.61 -18.05
CA GLY A 255 15.79 27.27 -17.34
C GLY A 255 14.47 26.55 -17.35
N LYS A 256 14.40 25.38 -18.00
CA LYS A 256 13.18 24.60 -18.09
C LYS A 256 13.35 23.31 -17.28
N TYR A 257 12.35 22.99 -16.47
CA TYR A 257 12.38 21.80 -15.63
C TYR A 257 11.20 20.89 -15.95
N PHE A 258 11.40 19.60 -15.73
CA PHE A 258 10.31 18.64 -15.84
C PHE A 258 9.26 18.90 -14.77
N TYR A 259 8.00 18.86 -15.16
CA TYR A 259 6.90 18.88 -14.21
C TYR A 259 6.99 17.65 -13.31
N VAL A 260 6.61 17.82 -12.05
CA VAL A 260 6.81 16.76 -11.05
C VAL A 260 6.16 15.45 -11.51
N TRP A 261 4.98 15.54 -12.12
CA TRP A 261 4.26 14.34 -12.56
C TRP A 261 4.95 13.64 -13.73
N LEU A 262 5.89 14.29 -14.40
CA LEU A 262 6.68 13.60 -15.42
C LEU A 262 7.64 12.61 -14.78
N ASP A 263 8.41 13.05 -13.79
CA ASP A 263 9.43 12.18 -13.22
C ASP A 263 8.92 11.29 -12.10
N ALA A 264 7.84 11.70 -11.41
CA ALA A 264 7.31 10.92 -10.30
C ALA A 264 7.11 9.45 -10.63
N PRO A 265 6.38 9.06 -11.69
CA PRO A 265 6.24 7.62 -11.97
C PRO A 265 7.55 6.98 -12.36
N ILE A 266 8.47 7.74 -12.95
CA ILE A 266 9.79 7.18 -13.24
C ILE A 266 10.51 6.87 -11.93
N GLY A 267 10.10 7.50 -10.84
CA GLY A 267 10.57 7.11 -9.53
C GLY A 267 10.38 5.63 -9.26
N TYR A 268 9.33 5.02 -9.82
CA TYR A 268 9.17 3.57 -9.71
C TYR A 268 10.38 2.84 -10.26
N MET A 269 10.74 3.13 -11.52
CA MET A 269 11.92 2.52 -12.11
C MET A 269 13.18 2.87 -11.32
N ALA A 270 13.30 4.14 -10.92
CA ALA A 270 14.46 4.58 -10.15
C ALA A 270 14.58 3.79 -8.86
N SER A 271 13.49 3.71 -8.10
CA SER A 271 13.51 2.96 -6.84
C SER A 271 13.94 1.52 -7.07
N PHE A 272 13.51 0.91 -8.18
CA PHE A 272 13.91 -0.46 -8.46
C PHE A 272 15.36 -0.53 -8.93
N LYS A 273 15.79 0.42 -9.76
CA LYS A 273 17.16 0.39 -10.24
C LYS A 273 18.14 0.53 -9.10
N ASN A 274 17.85 1.45 -8.16
CA ASN A 274 18.70 1.61 -7.00
C ASN A 274 18.75 0.34 -6.16
N LEU A 275 17.64 -0.42 -6.11
CA LEU A 275 17.62 -1.65 -5.35
C LEU A 275 18.48 -2.74 -6.00
N CYS A 276 18.56 -2.76 -7.33
CA CYS A 276 19.26 -3.84 -8.00
C CYS A 276 20.76 -3.79 -7.75
N ALA A 277 21.27 -2.64 -7.32
CA ALA A 277 22.69 -2.54 -7.00
C ALA A 277 23.05 -3.36 -5.78
N ARG A 278 22.10 -3.57 -4.87
CA ARG A 278 22.36 -4.27 -3.62
C ARG A 278 21.75 -5.66 -3.56
N ARG A 279 20.98 -6.05 -4.58
CA ARG A 279 20.29 -7.33 -4.62
C ARG A 279 20.72 -8.04 -5.90
N PRO A 280 21.73 -8.89 -5.84
CA PRO A 280 22.29 -9.46 -7.08
C PRO A 280 21.31 -10.33 -7.84
N GLU A 281 20.26 -10.84 -7.19
CA GLU A 281 19.28 -11.68 -7.88
C GLU A 281 18.21 -10.89 -8.61
N LEU A 282 18.22 -9.57 -8.50
CA LEU A 282 17.24 -8.71 -9.17
C LEU A 282 17.89 -8.05 -10.37
N ASP A 283 17.38 -8.34 -11.55
CA ASP A 283 17.88 -7.79 -12.79
C ASP A 283 16.86 -6.81 -13.35
N PHE A 284 17.32 -5.61 -13.67
CA PHE A 284 16.41 -4.56 -14.13
C PHE A 284 15.66 -4.99 -15.39
N ASP A 285 16.39 -5.41 -16.42
CA ASP A 285 15.77 -5.79 -17.68
C ASP A 285 14.74 -6.90 -17.48
N ALA A 286 15.03 -7.84 -16.58
CA ALA A 286 14.09 -8.91 -16.31
C ALA A 286 12.72 -8.41 -15.88
N PHE A 287 12.63 -7.20 -15.33
CA PHE A 287 11.34 -6.67 -14.90
C PHE A 287 10.81 -5.54 -15.78
N TRP A 288 11.67 -4.80 -16.48
CA TRP A 288 11.19 -3.66 -17.24
C TRP A 288 11.39 -3.79 -18.74
N GLY A 289 12.07 -4.83 -19.21
CA GLY A 289 12.17 -5.04 -20.65
C GLY A 289 10.83 -5.40 -21.26
N LYS A 290 10.67 -5.03 -22.54
CA LYS A 290 9.38 -5.26 -23.21
C LYS A 290 9.03 -6.75 -23.22
N ASP A 291 10.04 -7.61 -23.20
CA ASP A 291 9.88 -9.05 -23.18
C ASP A 291 9.68 -9.61 -21.78
N SER A 292 9.65 -8.76 -20.75
CA SER A 292 9.66 -9.25 -19.37
C SER A 292 8.51 -10.21 -19.12
N GLY A 293 8.86 -11.40 -18.62
CA GLY A 293 7.93 -12.38 -18.13
C GLY A 293 7.55 -12.19 -16.68
N ALA A 294 7.94 -11.06 -16.09
CA ALA A 294 7.55 -10.73 -14.73
C ALA A 294 6.29 -9.87 -14.73
N GLU A 295 5.61 -9.86 -13.58
CA GLU A 295 4.40 -9.08 -13.38
C GLU A 295 4.74 -7.77 -12.68
N LEU A 296 4.05 -6.70 -13.07
CA LEU A 296 4.23 -5.38 -12.48
C LEU A 296 2.86 -4.81 -12.12
N TYR A 297 2.71 -4.36 -10.87
CA TYR A 297 1.45 -3.80 -10.39
C TYR A 297 1.67 -2.48 -9.69
N HIS A 298 0.79 -1.52 -9.96
CA HIS A 298 0.80 -0.24 -9.27
C HIS A 298 -0.47 -0.13 -8.44
N PHE A 299 -0.34 -0.14 -7.11
CA PHE A 299 -1.46 0.17 -6.22
C PHE A 299 -1.60 1.69 -6.11
N ILE A 300 -2.75 2.23 -6.53
CA ILE A 300 -2.95 3.67 -6.54
C ILE A 300 -4.36 4.03 -6.08
N GLY A 301 -4.52 5.28 -5.65
CA GLY A 301 -5.84 5.81 -5.40
C GLY A 301 -6.53 6.27 -6.67
N LYS A 302 -7.86 6.38 -6.60
CA LYS A 302 -8.65 6.68 -7.79
C LYS A 302 -8.40 8.08 -8.33
N ASP A 303 -7.86 8.99 -7.52
CA ASP A 303 -7.61 10.33 -7.99
C ASP A 303 -6.45 10.43 -8.98
N ILE A 304 -5.56 9.44 -9.01
CA ILE A 304 -4.38 9.57 -9.85
C ILE A 304 -4.34 8.49 -10.93
N VAL A 305 -5.52 8.02 -11.35
CA VAL A 305 -5.56 6.97 -12.38
C VAL A 305 -5.11 7.50 -13.73
N ASN A 306 -5.47 8.76 -14.06
CA ASN A 306 -5.20 9.25 -15.40
C ASN A 306 -3.70 9.30 -15.68
N PHE A 307 -2.88 9.59 -14.66
CA PHE A 307 -1.44 9.62 -14.85
C PHE A 307 -0.88 8.22 -15.08
N HIS A 308 -1.38 7.24 -14.33
CA HIS A 308 -0.90 5.86 -14.44
C HIS A 308 -1.51 5.11 -15.62
N ALA A 309 -2.64 5.54 -16.15
CA ALA A 309 -3.33 4.80 -17.19
C ALA A 309 -3.18 5.39 -18.58
N LEU A 310 -2.83 6.67 -18.70
CA LEU A 310 -2.69 7.32 -20.00
C LEU A 310 -1.23 7.68 -20.26
N PHE A 311 -0.66 8.60 -19.49
CA PHE A 311 0.72 9.03 -19.74
CA PHE A 311 0.71 9.02 -19.75
C PHE A 311 1.71 7.91 -19.46
N TRP A 312 1.60 7.27 -18.29
CA TRP A 312 2.58 6.28 -17.88
C TRP A 312 2.75 5.14 -18.88
N PRO A 313 1.71 4.39 -19.28
CA PRO A 313 1.95 3.30 -20.23
C PRO A 313 2.38 3.77 -21.61
N ALA A 314 1.97 4.96 -22.03
CA ALA A 314 2.50 5.52 -23.27
C ALA A 314 3.98 5.82 -23.12
N MET A 315 4.35 6.44 -22.00
CA MET A 315 5.77 6.75 -21.76
CA MET A 315 5.76 6.75 -21.78
C MET A 315 6.61 5.49 -21.78
N LEU A 316 6.15 4.43 -21.10
CA LEU A 316 6.92 3.19 -21.04
C LEU A 316 7.07 2.58 -22.43
N GLU A 317 5.98 2.55 -23.21
CA GLU A 317 6.07 1.92 -24.52
C GLU A 317 6.99 2.72 -25.44
N GLY A 318 6.87 4.05 -25.43
CA GLY A 318 7.72 4.86 -26.27
C GLY A 318 9.18 4.81 -25.87
N ALA A 319 9.44 4.67 -24.58
CA ALA A 319 10.80 4.61 -24.05
C ALA A 319 11.40 3.21 -24.10
N GLY A 320 10.65 2.20 -24.52
CA GLY A 320 11.20 0.88 -24.73
C GLY A 320 10.99 -0.12 -23.61
N TYR A 321 10.09 0.14 -22.68
CA TYR A 321 9.85 -0.74 -21.55
C TYR A 321 8.46 -1.38 -21.66
N ARG A 322 8.24 -2.37 -20.81
CA ARG A 322 6.94 -3.02 -20.72
C ARG A 322 5.94 -2.12 -20.00
N LYS A 323 4.67 -2.29 -20.35
CA LYS A 323 3.58 -1.62 -19.68
C LYS A 323 3.17 -2.42 -18.45
N PRO A 324 2.54 -1.79 -17.45
CA PRO A 324 2.20 -2.52 -16.23
C PRO A 324 1.18 -3.62 -16.48
N THR A 325 1.23 -4.65 -15.63
CA THR A 325 0.29 -5.76 -15.74
C THR A 325 -1.12 -5.32 -15.40
N ALA A 326 -1.26 -4.48 -14.38
CA ALA A 326 -2.57 -3.99 -13.94
C ALA A 326 -2.35 -2.84 -12.97
N LEU A 327 -3.30 -1.91 -12.98
CA LEU A 327 -3.42 -0.90 -11.94
C LEU A 327 -4.43 -1.40 -10.93
N ASN A 328 -4.08 -1.32 -9.65
CA ASN A 328 -4.98 -1.71 -8.56
C ASN A 328 -5.42 -0.43 -7.87
N VAL A 329 -6.68 -0.04 -8.13
CA VAL A 329 -7.22 1.26 -7.74
C VAL A 329 -8.13 1.08 -6.55
N HIS A 330 -8.03 2.00 -5.59
CA HIS A 330 -8.79 1.91 -4.34
C HIS A 330 -9.46 3.24 -4.04
N GLY A 331 -10.49 3.18 -3.21
CA GLY A 331 -11.18 4.36 -2.75
C GLY A 331 -10.45 5.03 -1.60
N TYR A 332 -11.19 5.86 -0.86
CA TYR A 332 -10.62 6.71 0.17
C TYR A 332 -11.28 6.43 1.51
N LEU A 333 -10.72 7.02 2.57
CA LEU A 333 -11.08 6.69 3.94
C LEU A 333 -12.07 7.71 4.52
N THR A 334 -13.09 7.21 5.21
CA THR A 334 -13.96 8.03 6.02
C THR A 334 -13.90 7.53 7.46
N VAL A 335 -14.19 8.43 8.40
CA VAL A 335 -14.09 8.13 9.83
C VAL A 335 -15.43 8.45 10.47
N ASN A 336 -16.06 7.44 11.05
CA ASN A 336 -17.37 7.58 11.68
C ASN A 336 -18.40 8.16 10.71
N GLY A 337 -18.30 7.77 9.44
CA GLY A 337 -19.30 8.09 8.44
C GLY A 337 -19.11 9.39 7.67
N GLN A 338 -18.08 10.17 7.96
CA GLN A 338 -17.88 11.47 7.34
C GLN A 338 -16.44 11.62 6.84
N LYS A 339 -16.21 12.65 6.03
CA LYS A 339 -14.86 12.95 5.56
C LYS A 339 -13.98 13.33 6.75
N MET A 340 -12.68 13.03 6.63
CA MET A 340 -11.74 13.33 7.70
C MET A 340 -11.73 14.82 8.01
N SER A 341 -11.80 15.17 9.30
CA SER A 341 -11.91 16.55 9.74
C SER A 341 -10.79 16.90 10.70
N LYS A 342 -9.96 17.89 10.34
CA LYS A 342 -8.95 18.36 11.26
C LYS A 342 -9.57 19.06 12.46
N SER A 343 -10.77 19.61 12.30
CA SER A 343 -11.48 20.21 13.43
C SER A 343 -12.11 19.16 14.34
N ARG A 344 -12.66 18.09 13.77
CA ARG A 344 -13.22 17.01 14.58
C ARG A 344 -12.16 16.05 15.12
N GLY A 345 -10.91 16.20 14.72
CA GLY A 345 -9.87 15.31 15.19
C GLY A 345 -9.89 13.94 14.57
N THR A 346 -10.56 13.78 13.42
CA THR A 346 -10.57 12.52 12.68
C THR A 346 -9.60 12.54 11.51
N PHE A 347 -8.73 13.54 11.43
CA PHE A 347 -7.63 13.58 10.48
C PHE A 347 -6.39 13.20 11.29
N VAL A 348 -6.13 11.89 11.38
CA VAL A 348 -5.16 11.35 12.32
C VAL A 348 -3.85 11.07 11.59
N LYS A 349 -2.76 11.68 12.08
CA LYS A 349 -1.43 11.34 11.59
C LYS A 349 -1.08 9.92 12.00
N ALA A 350 -0.36 9.22 11.12
CA ALA A 350 0.08 7.86 11.43
C ALA A 350 0.81 7.81 12.76
N ARG A 351 1.72 8.75 12.98
CA ARG A 351 2.47 8.79 14.24
C ARG A 351 1.53 8.98 15.43
N THR A 352 0.46 9.75 15.26
CA THR A 352 -0.49 9.94 16.36
C THR A 352 -1.20 8.64 16.70
N TYR A 353 -1.58 7.87 15.68
CA TYR A 353 -2.11 6.52 15.93
C TYR A 353 -1.09 5.69 16.68
N LEU A 354 0.15 5.65 16.18
CA LEU A 354 1.18 4.78 16.74
C LEU A 354 1.53 5.14 18.18
N ASP A 355 1.30 6.40 18.58
CA ASP A 355 1.52 6.78 19.97
C ASP A 355 0.53 6.13 20.92
N HIS A 356 -0.57 5.56 20.43
CA HIS A 356 -1.62 5.08 21.32
C HIS A 356 -2.06 3.65 21.04
N LEU A 357 -1.90 3.17 19.82
CA LEU A 357 -2.53 1.91 19.44
C LEU A 357 -1.55 0.98 18.74
N ASP A 358 -1.80 -0.32 18.91
CA ASP A 358 -1.12 -1.35 18.15
C ASP A 358 -1.46 -1.20 16.66
N PRO A 359 -0.46 -1.08 15.78
CA PRO A 359 -0.77 -0.96 14.35
C PRO A 359 -1.56 -2.13 13.80
N GLU A 360 -1.41 -3.31 14.39
CA GLU A 360 -2.09 -4.47 13.82
C GLU A 360 -3.60 -4.38 13.99
N TYR A 361 -4.06 -3.63 14.99
CA TYR A 361 -5.48 -3.29 15.07
C TYR A 361 -5.99 -2.78 13.73
N LEU A 362 -5.37 -1.71 13.24
CA LEU A 362 -5.84 -1.06 12.02
C LEU A 362 -5.58 -1.93 10.80
N ARG A 363 -4.46 -2.64 10.78
CA ARG A 363 -4.18 -3.55 9.67
C ARG A 363 -5.30 -4.57 9.51
N TYR A 364 -5.79 -5.11 10.62
CA TYR A 364 -6.85 -6.10 10.52
C TYR A 364 -8.17 -5.45 10.12
N TYR A 365 -8.52 -4.33 10.76
CA TYR A 365 -9.76 -3.65 10.43
C TYR A 365 -9.82 -3.32 8.93
N TYR A 366 -8.74 -2.72 8.40
CA TYR A 366 -8.69 -2.45 6.97
C TYR A 366 -8.85 -3.73 6.16
N ALA A 367 -8.11 -4.78 6.53
CA ALA A 367 -8.22 -6.05 5.82
C ALA A 367 -9.65 -6.56 5.84
N SER A 368 -10.38 -6.34 6.93
CA SER A 368 -11.72 -6.88 7.03
C SER A 368 -12.71 -6.16 6.13
N LYS A 369 -12.37 -4.97 5.63
CA LYS A 369 -13.24 -4.24 4.73
C LYS A 369 -12.67 -3.98 3.35
N LEU A 370 -11.36 -4.18 3.15
CA LEU A 370 -10.76 -3.94 1.83
C LEU A 370 -11.33 -4.90 0.80
N GLY A 371 -11.80 -4.37 -0.32
CA GLY A 371 -12.41 -5.18 -1.36
C GLY A 371 -11.81 -4.89 -2.72
N ARG A 372 -12.12 -5.80 -3.66
CA ARG A 372 -11.74 -5.68 -5.06
CA ARG A 372 -11.59 -5.59 -5.00
C ARG A 372 -12.23 -4.40 -5.71
N GLY A 373 -13.23 -3.75 -5.10
CA GLY A 373 -13.87 -2.59 -5.69
C GLY A 373 -13.03 -1.35 -5.60
N VAL A 374 -13.71 -0.21 -5.75
CA VAL A 374 -13.05 1.10 -5.74
C VAL A 374 -13.87 2.01 -4.83
N GLU A 375 -14.64 1.43 -3.92
CA GLU A 375 -15.47 2.23 -3.06
C GLU A 375 -14.66 2.74 -1.87
N ASP A 376 -15.27 3.66 -1.12
CA ASP A 376 -14.64 4.19 0.09
C ASP A 376 -14.68 3.17 1.22
N LEU A 377 -13.85 3.40 2.24
CA LEU A 377 -13.79 2.54 3.41
C LEU A 377 -13.98 3.39 4.66
N ASP A 378 -14.92 2.99 5.52
CA ASP A 378 -15.27 3.75 6.70
C ASP A 378 -14.61 3.14 7.93
N LEU A 379 -13.90 3.97 8.67
CA LEU A 379 -13.37 3.59 9.98
C LEU A 379 -14.40 4.02 11.01
N ASN A 380 -15.25 3.10 11.43
CA ASN A 380 -16.21 3.35 12.50
C ASN A 380 -15.53 3.06 13.82
N LEU A 381 -15.27 4.11 14.60
CA LEU A 381 -14.38 3.97 15.76
C LEU A 381 -14.96 3.04 16.82
N GLU A 382 -16.28 3.12 17.06
CA GLU A 382 -16.90 2.18 17.99
C GLU A 382 -16.85 0.75 17.45
N ASP A 383 -17.19 0.59 16.17
CA ASP A 383 -17.08 -0.72 15.54
C ASP A 383 -15.63 -1.21 15.51
N PHE A 384 -14.68 -0.29 15.40
CA PHE A 384 -13.26 -0.64 15.38
C PHE A 384 -12.87 -1.42 16.63
N VAL A 385 -13.31 -0.93 17.80
CA VAL A 385 -12.97 -1.59 19.05
C VAL A 385 -13.69 -2.93 19.17
N GLN A 386 -14.99 -2.96 18.89
CA GLN A 386 -15.77 -4.18 19.07
C GLN A 386 -15.30 -5.27 18.12
N LYS A 387 -15.04 -4.90 16.86
CA LYS A 387 -14.67 -5.89 15.85
C LYS A 387 -13.30 -6.50 16.16
N VAL A 388 -12.31 -5.66 16.45
CA VAL A 388 -10.95 -6.16 16.67
C VAL A 388 -10.89 -7.01 17.94
N ASN A 389 -11.49 -6.53 19.02
CA ASN A 389 -11.46 -7.28 20.28
C ASN A 389 -12.18 -8.61 20.13
N SER A 390 -13.38 -8.59 19.54
CA SER A 390 -14.16 -9.81 19.41
C SER A 390 -13.46 -10.81 18.48
N ASP A 391 -12.93 -10.35 17.35
CA ASP A 391 -12.36 -11.26 16.36
C ASP A 391 -10.97 -11.75 16.75
N LEU A 392 -10.03 -10.81 16.90
CA LEU A 392 -8.64 -11.20 17.14
C LEU A 392 -8.43 -11.67 18.56
N VAL A 393 -8.64 -10.79 19.54
CA VAL A 393 -8.34 -11.16 20.92
C VAL A 393 -9.24 -12.31 21.36
N GLY A 394 -10.53 -12.22 21.06
CA GLY A 394 -11.49 -13.22 21.50
C GLY A 394 -11.37 -14.57 20.81
N LYS A 395 -11.43 -14.58 19.49
CA LYS A 395 -11.53 -15.82 18.73
C LYS A 395 -10.18 -16.44 18.35
N VAL A 396 -9.12 -15.66 18.27
CA VAL A 396 -7.82 -16.16 17.83
C VAL A 396 -6.82 -16.24 18.99
N VAL A 397 -6.62 -15.13 19.71
CA VAL A 397 -5.59 -15.14 20.74
C VAL A 397 -6.01 -16.03 21.91
N ASN A 398 -7.29 -16.02 22.28
CA ASN A 398 -7.70 -16.74 23.48
C ASN A 398 -7.75 -18.24 23.27
N ILE A 399 -8.09 -18.70 22.06
CA ILE A 399 -7.95 -20.13 21.78
C ILE A 399 -6.52 -20.58 22.04
N ALA A 400 -5.56 -19.72 21.73
CA ALA A 400 -4.17 -20.08 21.92
C ALA A 400 -3.81 -20.11 23.40
N SER A 401 -3.97 -18.97 24.09
CA SER A 401 -3.47 -18.87 25.46
C SER A 401 -4.14 -19.89 26.37
N ARG A 402 -5.44 -20.11 26.20
CA ARG A 402 -6.14 -21.11 27.02
C ARG A 402 -5.56 -22.50 26.79
N CYS A 403 -5.46 -22.93 25.53
CA CYS A 403 -4.95 -24.27 25.24
C CYS A 403 -3.49 -24.41 25.63
N ALA A 404 -2.67 -23.39 25.35
CA ALA A 404 -1.24 -23.48 25.65
C ALA A 404 -1.02 -23.75 27.13
N GLY A 405 -1.74 -23.04 28.01
CA GLY A 405 -1.58 -23.25 29.43
C GLY A 405 -1.75 -24.69 29.86
N PHE A 406 -2.64 -25.44 29.19
CA PHE A 406 -2.86 -26.82 29.58
C PHE A 406 -1.75 -27.73 29.07
N ILE A 407 -1.26 -27.49 27.86
CA ILE A 407 -0.10 -28.23 27.36
C ILE A 407 1.13 -27.92 28.20
N HIS A 408 1.31 -26.64 28.57
CA HIS A 408 2.46 -26.24 29.35
C HIS A 408 2.45 -26.90 30.73
N LYS A 409 1.37 -26.73 31.49
CA LYS A 409 1.32 -27.26 32.84
C LYS A 409 1.15 -28.78 32.87
N GLY A 410 0.41 -29.34 31.92
CA GLY A 410 0.05 -30.75 31.99
C GLY A 410 0.96 -31.70 31.24
N ASN A 411 1.78 -31.17 30.33
CA ASN A 411 2.66 -32.01 29.53
C ASN A 411 3.98 -31.30 29.22
N ALA A 412 4.46 -30.49 30.14
CA ALA A 412 5.77 -29.85 30.03
C ALA A 412 5.95 -29.08 28.72
N GLY A 413 4.84 -28.71 28.07
CA GLY A 413 4.91 -27.96 26.84
C GLY A 413 5.02 -28.77 25.57
N VAL A 414 4.91 -30.09 25.64
CA VAL A 414 4.96 -30.93 24.45
C VAL A 414 3.55 -31.08 23.90
N LEU A 415 3.35 -30.66 22.65
CA LEU A 415 2.08 -30.84 21.96
C LEU A 415 1.95 -32.31 21.54
N VAL A 416 0.92 -32.98 22.05
CA VAL A 416 0.64 -34.38 21.72
C VAL A 416 -0.16 -34.42 20.43
N GLY A 417 0.19 -35.34 19.54
CA GLY A 417 -0.51 -35.49 18.28
C GLY A 417 -1.67 -36.45 18.43
N ALA A 418 -2.83 -36.05 17.90
CA ALA A 418 -4.02 -36.90 17.94
C ALA A 418 -4.96 -36.41 16.85
N ASP A 419 -6.06 -37.14 16.67
CA ASP A 419 -7.09 -36.78 15.70
C ASP A 419 -8.45 -36.71 16.41
N PRO A 420 -8.63 -35.78 17.34
CA PRO A 420 -9.93 -35.70 18.02
C PRO A 420 -11.08 -35.28 17.11
N ALA A 421 -10.89 -34.28 16.24
CA ALA A 421 -11.98 -33.72 15.43
C ALA A 421 -11.58 -33.65 13.96
N PRO A 422 -11.48 -34.79 13.29
CA PRO A 422 -11.01 -34.78 11.89
C PRO A 422 -11.84 -33.92 10.96
N GLU A 423 -13.17 -33.93 11.10
CA GLU A 423 -14.02 -33.10 10.22
C GLU A 423 -13.68 -31.63 10.37
N LEU A 424 -13.49 -31.18 11.60
CA LEU A 424 -13.10 -29.79 11.84
C LEU A 424 -11.78 -29.46 11.14
N LEU A 425 -10.81 -30.38 11.21
CA LEU A 425 -9.52 -30.14 10.57
C LEU A 425 -9.67 -30.10 9.06
N ALA A 426 -10.40 -31.07 8.50
CA ALA A 426 -10.62 -31.12 7.05
C ALA A 426 -11.25 -29.84 6.53
N ALA A 427 -12.10 -29.20 7.34
CA ALA A 427 -12.68 -27.93 6.92
C ALA A 427 -11.60 -26.88 6.72
N PHE A 428 -10.64 -26.80 7.65
CA PHE A 428 -9.50 -25.91 7.49
C PHE A 428 -8.73 -26.19 6.20
N ARG A 429 -8.51 -27.46 5.89
CA ARG A 429 -7.84 -27.81 4.64
C ARG A 429 -8.69 -27.40 3.44
N GLU A 430 -9.98 -27.74 3.45
CA GLU A 430 -10.87 -27.38 2.36
C GLU A 430 -10.93 -25.88 2.13
N ALA A 431 -10.74 -25.09 3.18
CA ALA A 431 -10.90 -23.65 3.11
C ALA A 431 -9.68 -22.92 2.58
N ALA A 432 -8.49 -23.52 2.71
CA ALA A 432 -7.26 -22.79 2.41
C ALA A 432 -7.19 -22.28 0.97
N PRO A 433 -7.37 -23.11 -0.07
CA PRO A 433 -7.23 -22.56 -1.43
C PRO A 433 -8.21 -21.45 -1.75
N GLY A 434 -9.39 -21.45 -1.10
CA GLY A 434 -10.30 -20.34 -1.29
C GLY A 434 -9.82 -19.06 -0.65
N ILE A 435 -9.23 -19.16 0.55
CA ILE A 435 -8.67 -17.98 1.22
C ILE A 435 -7.50 -17.42 0.42
N ALA A 436 -6.71 -18.29 -0.19
CA ALA A 436 -5.67 -17.81 -1.10
C ALA A 436 -6.26 -17.07 -2.29
N GLU A 437 -7.35 -17.60 -2.87
CA GLU A 437 -8.00 -16.92 -4.00
C GLU A 437 -8.45 -15.52 -3.62
N ALA A 438 -9.02 -15.36 -2.42
CA ALA A 438 -9.40 -14.03 -1.98
C ALA A 438 -8.17 -13.13 -1.87
N TYR A 439 -7.13 -13.59 -1.16
CA TYR A 439 -5.88 -12.83 -1.07
C TYR A 439 -5.37 -12.43 -2.45
N GLU A 440 -5.25 -13.41 -3.36
CA GLU A 440 -4.74 -13.14 -4.70
C GLU A 440 -5.53 -12.02 -5.39
N ALA A 441 -6.85 -12.00 -5.22
CA ALA A 441 -7.72 -11.08 -5.93
C ALA A 441 -7.95 -9.78 -5.17
N ARG A 442 -7.19 -9.53 -4.10
CA ARG A 442 -7.31 -8.33 -3.27
C ARG A 442 -8.66 -8.23 -2.56
N ASP A 443 -9.35 -9.36 -2.40
CA ASP A 443 -10.61 -9.43 -1.66
C ASP A 443 -10.32 -9.83 -0.22
N PHE A 444 -9.63 -8.93 0.49
CA PHE A 444 -9.30 -9.17 1.89
C PHE A 444 -10.55 -9.33 2.75
N ASN A 445 -11.62 -8.59 2.41
CA ASN A 445 -12.90 -8.72 3.08
C ASN A 445 -13.34 -10.18 3.13
N ARG A 446 -13.42 -10.82 1.96
CA ARG A 446 -13.84 -12.22 1.92
CA ARG A 446 -13.82 -12.22 1.91
C ARG A 446 -12.85 -13.10 2.67
N ALA A 447 -11.54 -12.83 2.52
CA ALA A 447 -10.52 -13.65 3.18
C ALA A 447 -10.68 -13.60 4.70
N MET A 448 -10.80 -12.40 5.27
CA MET A 448 -11.00 -12.30 6.70
C MET A 448 -12.28 -12.99 7.13
N ARG A 449 -13.34 -12.85 6.32
CA ARG A 449 -14.61 -13.52 6.60
C ARG A 449 -14.41 -15.03 6.70
N GLU A 450 -13.81 -15.66 5.69
CA GLU A 450 -13.61 -17.11 5.72
C GLU A 450 -12.77 -17.52 6.93
N ILE A 451 -11.72 -16.76 7.22
CA ILE A 451 -10.84 -17.10 8.33
C ILE A 451 -11.61 -17.07 9.64
N MET A 452 -12.33 -15.97 9.89
CA MET A 452 -13.05 -15.85 11.16
C MET A 452 -14.15 -16.88 11.29
N ALA A 453 -14.70 -17.35 10.17
CA ALA A 453 -15.68 -18.43 10.25
C ALA A 453 -15.03 -19.72 10.73
N LEU A 454 -13.81 -20.00 10.28
CA LEU A 454 -13.06 -21.14 10.81
C LEU A 454 -12.69 -20.92 12.27
N ALA A 455 -12.20 -19.71 12.60
CA ALA A 455 -11.91 -19.38 13.99
C ALA A 455 -13.12 -19.62 14.87
N ASP A 456 -14.27 -19.10 14.44
CA ASP A 456 -15.52 -19.28 15.18
C ASP A 456 -15.82 -20.75 15.43
N ARG A 457 -15.65 -21.59 14.40
CA ARG A 457 -16.00 -23.00 14.53
C ARG A 457 -14.99 -23.75 15.39
N ALA A 458 -13.69 -23.50 15.20
CA ALA A 458 -12.67 -24.14 16.03
C ALA A 458 -12.83 -23.74 17.49
N ASN A 459 -12.92 -22.43 17.75
CA ASN A 459 -13.16 -21.91 19.08
C ASN A 459 -14.36 -22.58 19.75
N ALA A 460 -15.45 -22.76 19.00
CA ALA A 460 -16.66 -23.36 19.57
C ALA A 460 -16.44 -24.82 19.96
N TRP A 461 -15.70 -25.56 19.13
CA TRP A 461 -15.39 -26.95 19.46
C TRP A 461 -14.54 -27.06 20.72
N ILE A 462 -13.52 -26.21 20.85
CA ILE A 462 -12.71 -26.17 22.07
C ILE A 462 -13.59 -25.93 23.29
N ALA A 463 -14.45 -24.91 23.21
CA ALA A 463 -15.35 -24.62 24.32
C ALA A 463 -16.25 -25.81 24.61
N GLU A 464 -16.67 -26.52 23.56
CA GLU A 464 -17.50 -27.70 23.73
C GLU A 464 -16.77 -28.77 24.52
N GLN A 465 -15.47 -28.94 24.26
CA GLN A 465 -14.68 -29.91 25.01
C GLN A 465 -14.48 -29.47 26.45
N ALA A 466 -14.27 -28.16 26.67
CA ALA A 466 -13.99 -27.57 27.96
C ALA A 466 -12.76 -28.25 28.58
N PRO A 467 -11.57 -27.99 28.05
CA PRO A 467 -10.37 -28.60 28.65
C PRO A 467 -10.14 -28.17 30.08
N TRP A 468 -10.55 -26.95 30.44
CA TRP A 468 -10.52 -26.51 31.84
C TRP A 468 -11.34 -27.42 32.74
N ALA A 469 -12.40 -28.02 32.20
CA ALA A 469 -13.17 -28.97 32.99
C ALA A 469 -12.55 -30.37 32.96
N LEU A 470 -12.10 -30.81 31.78
CA LEU A 470 -11.44 -32.11 31.68
C LEU A 470 -10.19 -32.15 32.54
N ALA A 471 -9.49 -31.02 32.67
CA ALA A 471 -8.24 -30.97 33.42
C ALA A 471 -8.47 -31.19 34.92
N LYS A 472 -9.67 -30.89 35.40
CA LYS A 472 -9.98 -31.10 36.82
C LYS A 472 -10.52 -32.50 37.11
N GLN A 473 -10.81 -33.30 36.08
CA GLN A 473 -11.28 -34.67 36.27
C GLN A 473 -10.09 -35.62 36.27
N GLU A 474 -10.05 -36.54 37.23
CA GLU A 474 -8.95 -37.48 37.32
C GLU A 474 -9.03 -38.52 36.21
N GLY A 475 -7.87 -38.86 35.65
CA GLY A 475 -7.83 -39.86 34.59
C GLY A 475 -8.34 -39.37 33.26
N GLN A 476 -8.24 -38.07 32.98
CA GLN A 476 -8.66 -37.50 31.71
C GLN A 476 -7.54 -36.73 31.05
N GLN A 477 -6.30 -36.93 31.48
CA GLN A 477 -5.20 -36.08 31.02
C GLN A 477 -4.86 -36.33 29.56
N ASP A 478 -5.01 -37.56 29.08
CA ASP A 478 -4.82 -37.85 27.66
C ASP A 478 -5.81 -37.05 26.81
N LYS A 479 -7.07 -37.06 27.20
CA LYS A 479 -8.09 -36.28 26.51
C LYS A 479 -7.72 -34.80 26.47
N VAL A 480 -7.22 -34.26 27.59
CA VAL A 480 -6.88 -32.85 27.65
C VAL A 480 -5.81 -32.51 26.63
N GLN A 481 -4.78 -33.35 26.52
CA GLN A 481 -3.71 -33.05 25.59
C GLN A 481 -4.12 -33.29 24.15
N ALA A 482 -4.99 -34.28 23.92
CA ALA A 482 -5.53 -34.48 22.58
C ALA A 482 -6.28 -33.23 22.11
N VAL A 483 -7.14 -32.68 22.96
CA VAL A 483 -7.93 -31.52 22.60
C VAL A 483 -7.03 -30.31 22.37
N CYS A 484 -6.24 -29.94 23.37
CA CYS A 484 -5.45 -28.72 23.26
C CYS A 484 -4.37 -28.84 22.19
N GLY A 485 -3.98 -30.06 21.83
CA GLY A 485 -3.09 -30.24 20.70
C GLY A 485 -3.73 -29.81 19.39
N LEU A 486 -4.98 -30.22 19.17
CA LEU A 486 -5.70 -29.74 17.99
C LEU A 486 -5.92 -28.23 18.07
N GLY A 487 -6.32 -27.74 19.25
CA GLY A 487 -6.50 -26.32 19.42
C GLY A 487 -5.31 -25.50 18.96
N ILE A 488 -4.11 -25.87 19.42
CA ILE A 488 -2.90 -25.12 19.04
C ILE A 488 -2.59 -25.32 17.56
N ASN A 489 -2.79 -26.53 17.05
CA ASN A 489 -2.63 -26.77 15.61
C ASN A 489 -3.53 -25.84 14.80
N LEU A 490 -4.80 -25.74 15.19
CA LEU A 490 -5.72 -24.86 14.48
C LEU A 490 -5.31 -23.41 14.61
N PHE A 491 -4.78 -23.02 15.78
CA PHE A 491 -4.25 -21.67 15.94
C PHE A 491 -3.09 -21.42 14.97
N ARG A 492 -2.22 -22.43 14.78
CA ARG A 492 -1.16 -22.29 13.79
C ARG A 492 -1.74 -22.06 12.40
N GLN A 493 -2.79 -22.81 12.05
CA GLN A 493 -3.48 -22.60 10.77
C GLN A 493 -4.01 -21.18 10.64
N LEU A 494 -4.65 -20.68 11.70
CA LEU A 494 -5.17 -19.31 11.68
C LEU A 494 -4.04 -18.30 11.56
N VAL A 495 -2.88 -18.58 12.14
CA VAL A 495 -1.75 -17.67 12.04
C VAL A 495 -1.19 -17.67 10.63
N ILE A 496 -1.05 -18.86 10.04
CA ILE A 496 -0.69 -18.94 8.63
C ILE A 496 -1.63 -18.08 7.79
N PHE A 497 -2.95 -18.26 7.97
CA PHE A 497 -3.93 -17.52 7.16
C PHE A 497 -3.89 -16.02 7.42
N LEU A 498 -3.58 -15.60 8.63
CA LEU A 498 -3.59 -14.19 8.99
C LEU A 498 -2.24 -13.52 8.87
N LYS A 499 -1.17 -14.29 8.62
CA LYS A 499 0.19 -13.75 8.66
C LYS A 499 0.38 -12.49 7.80
N PRO A 500 -0.15 -12.39 6.57
CA PRO A 500 0.03 -11.16 5.81
C PRO A 500 -0.68 -9.96 6.42
N VAL A 501 -1.68 -10.16 7.27
CA VAL A 501 -2.32 -9.03 7.93
C VAL A 501 -1.61 -8.70 9.24
N LEU A 502 -1.16 -9.73 9.96
CA LEU A 502 -0.60 -9.58 11.30
C LEU A 502 0.82 -10.17 11.35
N PRO A 503 1.77 -9.57 10.62
CA PRO A 503 3.11 -10.18 10.56
C PRO A 503 3.85 -10.16 11.89
N LYS A 504 3.61 -9.16 12.75
CA LYS A 504 4.26 -9.15 14.04
C LYS A 504 3.69 -10.25 14.93
N LEU A 505 2.36 -10.31 15.02
CA LEU A 505 1.73 -11.40 15.74
C LEU A 505 2.22 -12.76 15.24
N ALA A 506 2.32 -12.91 13.92
CA ALA A 506 2.81 -14.17 13.36
C ALA A 506 4.20 -14.50 13.88
N ALA A 507 5.11 -13.52 13.85
CA ALA A 507 6.46 -13.75 14.35
C ALA A 507 6.43 -14.25 15.79
N ALA A 508 5.72 -13.52 16.66
CA ALA A 508 5.58 -13.96 18.04
C ALA A 508 4.97 -15.35 18.13
N ALA A 509 4.02 -15.65 17.24
CA ALA A 509 3.39 -16.98 17.26
C ALA A 509 4.39 -18.06 16.87
N GLU A 510 5.25 -17.79 15.89
CA GLU A 510 6.24 -18.76 15.46
C GLU A 510 7.26 -19.04 16.56
N ALA A 511 7.59 -18.01 17.36
CA ALA A 511 8.43 -18.21 18.53
C ALA A 511 7.77 -19.14 19.53
N PHE A 512 6.51 -18.86 19.88
CA PHE A 512 5.78 -19.74 20.78
C PHE A 512 5.64 -21.15 20.19
N LEU A 513 5.21 -21.23 18.93
CA LEU A 513 5.06 -22.55 18.29
C LEU A 513 6.39 -23.27 18.12
N ASN A 514 7.51 -22.55 18.20
CA ASN A 514 8.84 -23.14 18.05
C ASN A 514 8.97 -23.81 16.68
N VAL A 515 8.85 -22.98 15.64
CA VAL A 515 8.86 -23.44 14.26
C VAL A 515 9.64 -22.44 13.43
N ALA A 516 10.10 -22.89 12.26
CA ALA A 516 10.64 -21.96 11.28
C ALA A 516 9.54 -20.99 10.84
N PRO A 517 9.91 -19.84 10.28
CA PRO A 517 8.89 -18.90 9.81
C PRO A 517 7.92 -19.58 8.87
N LEU A 518 6.64 -19.22 9.00
CA LEU A 518 5.57 -19.97 8.36
C LEU A 518 5.43 -19.59 6.90
N THR A 519 5.40 -20.60 6.03
CA THR A 519 4.99 -20.45 4.65
C THR A 519 3.51 -20.84 4.51
N TRP A 520 2.91 -20.43 3.39
CA TRP A 520 1.53 -20.83 3.16
C TRP A 520 1.41 -22.34 3.05
N ALA A 521 2.42 -23.00 2.48
CA ALA A 521 2.38 -24.44 2.35
C ALA A 521 2.42 -25.15 3.70
N ASP A 522 2.87 -24.47 4.76
CA ASP A 522 2.87 -25.09 6.07
C ASP A 522 1.47 -25.45 6.54
N HIS A 523 0.43 -24.83 5.98
CA HIS A 523 -0.93 -25.22 6.36
C HIS A 523 -1.17 -26.70 6.10
N GLN A 524 -0.39 -27.30 5.22
CA GLN A 524 -0.61 -28.69 4.84
C GLN A 524 -0.07 -29.69 5.85
N THR A 525 0.73 -29.26 6.83
CA THR A 525 1.27 -30.17 7.83
C THR A 525 0.80 -29.78 9.22
N LEU A 526 0.96 -30.73 10.16
CA LEU A 526 0.53 -30.55 11.55
C LEU A 526 1.69 -30.78 12.51
N LEU A 527 1.65 -30.07 13.64
CA LEU A 527 2.60 -30.31 14.73
C LEU A 527 2.12 -31.50 15.56
N ALA A 528 2.98 -32.49 15.72
CA ALA A 528 2.73 -33.60 16.63
C ALA A 528 4.01 -33.95 17.36
N ASN A 529 3.89 -34.24 18.66
CA ASN A 529 5.03 -34.63 19.47
C ASN A 529 6.09 -33.54 19.44
N HIS A 530 5.63 -32.31 19.65
CA HIS A 530 6.38 -31.09 19.34
C HIS A 530 6.57 -30.25 20.61
N GLN A 531 7.81 -29.85 20.86
CA GLN A 531 8.12 -29.01 22.01
C GLN A 531 7.73 -27.56 21.72
N LEU A 532 6.84 -27.00 22.53
CA LEU A 532 6.52 -25.59 22.45
C LEU A 532 7.44 -24.76 23.36
N ASN A 533 7.61 -23.50 23.00
CA ASN A 533 8.26 -22.51 23.85
C ASN A 533 7.22 -21.84 24.74
N PRO A 534 7.66 -21.07 25.74
CA PRO A 534 6.70 -20.29 26.54
C PRO A 534 5.82 -19.41 25.68
N PHE A 535 4.58 -19.20 26.16
CA PHE A 535 3.60 -18.48 25.37
C PHE A 535 3.96 -17.00 25.31
N GLN A 536 4.20 -16.50 24.10
CA GLN A 536 4.44 -15.07 23.84
C GLN A 536 3.13 -14.31 23.92
N PRO A 537 3.13 -13.12 24.52
CA PRO A 537 1.96 -12.25 24.43
C PRO A 537 1.74 -11.84 22.98
N LEU A 538 0.49 -11.96 22.53
CA LEU A 538 0.18 -11.76 21.12
C LEU A 538 -0.55 -10.47 20.83
N MET A 539 -1.54 -10.09 21.65
CA MET A 539 -2.29 -8.87 21.42
C MET A 539 -3.23 -8.61 22.58
N THR A 540 -3.17 -7.42 23.17
CA THR A 540 -4.15 -7.03 24.17
C THR A 540 -5.34 -6.34 23.52
N ARG A 541 -6.44 -6.28 24.27
CA ARG A 541 -7.63 -5.62 23.78
C ARG A 541 -7.36 -4.14 23.49
N ILE A 542 -8.18 -3.58 22.61
CA ILE A 542 -8.15 -2.14 22.35
C ILE A 542 -8.86 -1.44 23.50
N GLU A 543 -8.15 -0.54 24.17
CA GLU A 543 -8.79 0.26 25.20
C GLU A 543 -9.47 1.46 24.56
N PRO A 544 -10.78 1.62 24.72
CA PRO A 544 -11.46 2.80 24.13
C PRO A 544 -10.90 4.12 24.61
N ALA A 545 -10.34 4.16 25.82
CA ALA A 545 -9.70 5.39 26.29
C ALA A 545 -8.54 5.79 25.38
N LYS A 546 -7.77 4.82 24.91
CA LYS A 546 -6.64 5.11 24.04
C LYS A 546 -7.12 5.58 22.67
N VAL A 547 -8.24 5.05 22.19
CA VAL A 547 -8.78 5.51 20.90
C VAL A 547 -9.22 6.96 21.00
N GLU A 548 -9.89 7.32 22.09
CA GLU A 548 -10.31 8.71 22.27
C GLU A 548 -9.10 9.62 22.49
N ALA A 549 -8.09 9.12 23.21
CA ALA A 549 -6.88 9.90 23.41
C ALA A 549 -6.18 10.18 22.07
N MET A 550 -6.29 9.26 21.13
CA MET A 550 -5.75 9.50 19.80
C MET A 550 -6.54 10.57 19.06
N ILE A 551 -7.87 10.52 19.14
CA ILE A 551 -8.70 11.53 18.49
C ILE A 551 -8.43 12.89 19.10
N GLU A 552 -8.39 12.96 20.44
CA GLU A 552 -8.17 14.24 21.11
C GLU A 552 -6.83 14.85 20.72
N ALA A 553 -5.77 14.03 20.70
CA ALA A 553 -4.45 14.49 20.31
C ALA A 553 -4.43 15.06 18.89
N SER A 554 -5.41 14.70 18.06
CA SER A 554 -5.44 15.13 16.67
C SER A 554 -6.34 16.33 16.43
N LYS A 555 -7.07 16.80 17.44
CA LYS A 555 -7.88 17.99 17.27
C LYS A 555 -6.98 19.22 17.21
N GLU A 556 -7.24 20.10 16.25
CA GLU A 556 -6.42 21.28 16.06
C GLU A 556 -7.18 22.55 16.39
S SO4 B . -18.75 -16.37 1.83
O1 SO4 B . -17.90 -17.38 2.44
O2 SO4 B . -17.92 -15.30 1.27
O3 SO4 B . -19.46 -17.04 0.74
O4 SO4 B . -19.72 -15.81 2.79
S SO4 C . 0.87 -19.02 -7.11
O1 SO4 C . 0.96 -17.56 -7.25
O2 SO4 C . 2.20 -19.60 -7.25
O3 SO4 C . 0.01 -19.57 -8.16
O4 SO4 C . 0.33 -19.31 -5.79
S SO4 D . 0.99 17.99 8.10
O1 SO4 D . 2.16 17.95 8.98
O2 SO4 D . 1.15 17.03 7.03
O3 SO4 D . -0.20 17.65 8.88
O4 SO4 D . 0.84 19.34 7.53
S SO4 E . 0.93 22.67 -11.95
O1 SO4 E . 0.88 21.86 -10.73
O2 SO4 E . 2.29 23.16 -12.18
O3 SO4 E . 0.49 21.85 -13.07
O4 SO4 E . 0.02 23.80 -11.82
S SO4 F . 6.50 -31.89 14.33
O1 SO4 F . 7.87 -31.52 14.68
O2 SO4 F . 6.38 -33.34 14.21
O3 SO4 F . 6.11 -31.27 13.06
O4 SO4 F . 5.60 -31.42 15.38
S SO4 G . -3.76 -23.20 -3.78
S SO4 G . -3.49 -25.21 -0.85
O1 SO4 G . -2.32 -23.06 -4.01
O1 SO4 G . -2.05 -25.21 -0.60
O2 SO4 G . -4.01 -23.16 -2.34
O2 SO4 G . -4.13 -26.29 -0.10
O3 SO4 G . -4.21 -24.47 -4.35
O3 SO4 G . -3.71 -25.40 -2.28
O4 SO4 G . -4.47 -22.09 -4.42
O4 SO4 G . -4.05 -23.90 -0.44
S SO4 H . 3.35 50.55 -12.15
O1 SO4 H . 4.61 51.10 -12.64
O2 SO4 H . 3.52 50.06 -10.78
O3 SO4 H . 2.97 49.42 -12.99
O4 SO4 H . 2.30 51.57 -12.18
N MET I . 2.65 12.30 -5.34
CA MET I . 1.43 11.77 -5.93
C MET I . 0.23 11.95 -5.00
O MET I . 0.38 12.02 -3.78
CB MET I . 1.61 10.29 -6.28
CG MET I . 2.66 10.05 -7.35
SD MET I . 2.68 8.32 -7.90
CE MET I . 3.97 8.40 -9.13
OXT MET I . -0.91 12.03 -5.46
#